data_9I3U
#
_entry.id   9I3U
#
_cell.length_a   1.00
_cell.length_b   1.00
_cell.length_c   1.00
_cell.angle_alpha   90.00
_cell.angle_beta   90.00
_cell.angle_gamma   90.00
#
_symmetry.space_group_name_H-M   'P 1'
#
loop_
_entity.id
_entity.type
_entity.pdbx_description
1 polymer 'Anterior gradient protein 2 homolog'
2 polymer 'Serine/threonine-protein kinase/endoribonuclease IRE2'
#
loop_
_entity_poly.entity_id
_entity_poly.type
_entity_poly.pdbx_seq_one_letter_code
_entity_poly.pdbx_strand_id
1 'polypeptide(L)'
;RDTTVKPGAKKDTKDSRPKLPQTLSRGWGDQLIWTQTYEEALYKSKTSNKPLMIIHHLDECPHSQALKKVFAENKEIQKL
AEQFVLLNLVYETTDKHLSPDGQYVPRIMFVDPSLTVRADITGRYSNRLYAYEPADTALLLDNMKKALKLLKTEL
;
B,D
2 'polypeptide(L)'
;LRPENLLLVSTLDGSLHALSKQTGDLKWTLRDDPVIEGPMYVTEMAFLSDPADGSLYILGTQKQQGLMKLPFTIPELVHA
SPCRSSDGVFYTGRKQDAWFVVDPESGETQMTLTTEGPSTPRLYIGRTQYTVTMHDPRAPALRWNTTYRRYSAPPMDGSP
GKYMSHLASCGMGLLLTVDPGSGTVLWTQDLGVPVMGVYTWHQDGLRQLPHLTLARDTLHFLALRWGHIRLPASGPRDTA
TLFSTLDTQLLMTLYVGKDETGFYVSKALVHTGVALVPRGLTLAPADGPTTDEVTLQVSGEREGSPSTAVRYPSGSVALP
SQWLLIGHHELPPVLHTTMLRVHPTLGSGTAETRPPENTQAPAFFLELLSLSREKLWDSELHPEEKTPDSYLGLG
;
A
#
# COMPACT_ATOMS: atom_id res chain seq x y z
N PRO A 21 29.54 -4.71 13.21
CA PRO A 21 29.84 -6.14 13.31
C PRO A 21 28.84 -6.99 12.56
N GLN A 22 27.65 -7.21 13.14
CA GLN A 22 26.64 -8.01 12.48
C GLN A 22 26.14 -7.33 11.22
N THR A 23 25.91 -8.12 10.18
CA THR A 23 25.62 -7.60 8.85
C THR A 23 24.26 -8.09 8.37
N LEU A 24 23.75 -7.39 7.34
CA LEU A 24 22.47 -7.77 6.75
C LEU A 24 22.59 -9.02 5.90
N SER A 25 23.75 -9.27 5.30
CA SER A 25 23.92 -10.42 4.42
C SER A 25 24.07 -11.72 5.18
N ARG A 26 24.66 -11.67 6.38
CA ARG A 26 24.89 -12.86 7.20
C ARG A 26 25.76 -13.90 6.49
N GLY A 27 26.65 -13.44 5.61
CA GLY A 27 27.59 -14.32 4.95
C GLY A 27 27.13 -14.91 3.64
N TRP A 28 25.89 -14.66 3.21
CA TRP A 28 25.44 -15.17 1.92
C TRP A 28 26.10 -14.42 0.77
N GLY A 29 26.30 -13.12 0.93
CA GLY A 29 27.13 -12.36 0.01
C GLY A 29 27.29 -10.92 0.45
N ASP A 30 28.54 -10.45 0.52
CA ASP A 30 28.77 -9.14 1.14
C ASP A 30 28.74 -8.00 0.13
N GLN A 31 28.95 -8.28 -1.15
CA GLN A 31 28.92 -7.27 -2.19
C GLN A 31 27.53 -7.09 -2.78
N LEU A 32 26.53 -7.77 -2.22
CA LEU A 32 25.16 -7.70 -2.70
C LEU A 32 24.37 -6.75 -1.81
N ILE A 33 23.34 -6.14 -2.38
CA ILE A 33 22.48 -5.21 -1.65
C ILE A 33 21.29 -5.99 -1.11
N TRP A 34 21.17 -6.06 0.21
CA TRP A 34 20.13 -6.83 0.87
C TRP A 34 19.10 -5.92 1.51
N THR A 35 17.89 -6.44 1.63
CA THR A 35 16.79 -5.77 2.30
C THR A 35 16.67 -6.27 3.73
N GLN A 36 16.13 -5.43 4.60
CA GLN A 36 16.03 -5.76 6.02
C GLN A 36 14.70 -6.43 6.38
N THR A 37 13.59 -5.90 5.87
CA THR A 37 12.28 -6.42 6.23
C THR A 37 11.55 -6.96 5.00
N TYR A 38 10.60 -7.87 5.26
CA TYR A 38 9.82 -8.46 4.18
C TYR A 38 8.95 -7.41 3.48
N GLU A 39 8.33 -6.52 4.25
CA GLU A 39 7.46 -5.51 3.65
C GLU A 39 8.24 -4.50 2.82
N GLU A 40 9.42 -4.08 3.29
CA GLU A 40 10.24 -3.19 2.49
C GLU A 40 10.73 -3.88 1.23
N ALA A 41 11.06 -5.17 1.32
CA ALA A 41 11.45 -5.93 0.14
C ALA A 41 10.31 -5.99 -0.87
N LEU A 42 9.08 -6.22 -0.38
CA LEU A 42 7.92 -6.24 -1.27
C LEU A 42 7.72 -4.88 -1.93
N TYR A 43 7.86 -3.80 -1.15
CA TYR A 43 7.69 -2.47 -1.70
C TYR A 43 8.76 -2.17 -2.77
N LYS A 44 10.00 -2.56 -2.49
CA LYS A 44 11.08 -2.36 -3.46
C LYS A 44 10.85 -3.17 -4.73
N SER A 45 10.40 -4.40 -4.59
CA SER A 45 10.12 -5.23 -5.76
C SER A 45 8.96 -4.67 -6.57
N LYS A 46 7.97 -4.10 -5.90
CA LYS A 46 6.85 -3.49 -6.61
C LYS A 46 7.30 -2.26 -7.38
N THR A 47 8.00 -1.34 -6.71
CA THR A 47 8.40 -0.10 -7.37
C THR A 47 9.41 -0.35 -8.48
N SER A 48 10.40 -1.20 -8.24
CA SER A 48 11.48 -1.43 -9.20
C SER A 48 11.21 -2.56 -10.17
N ASN A 49 10.10 -3.29 -10.02
CA ASN A 49 9.74 -4.39 -10.93
C ASN A 49 10.85 -5.42 -11.04
N LYS A 50 11.43 -5.79 -9.90
CA LYS A 50 12.45 -6.82 -9.85
C LYS A 50 11.97 -8.00 -9.01
N PRO A 51 12.23 -9.23 -9.44
CA PRO A 51 11.81 -10.40 -8.65
C PRO A 51 12.52 -10.41 -7.30
N LEU A 52 11.79 -10.88 -6.29
CA LEU A 52 12.29 -10.88 -4.92
C LEU A 52 12.64 -12.31 -4.51
N MET A 53 13.87 -12.49 -4.03
CA MET A 53 14.35 -13.79 -3.56
C MET A 53 14.47 -13.75 -2.05
N ILE A 54 13.82 -14.70 -1.39
CA ILE A 54 13.83 -14.81 0.07
C ILE A 54 14.52 -16.12 0.43
N ILE A 55 15.55 -16.03 1.27
CA ILE A 55 16.26 -17.19 1.77
C ILE A 55 15.96 -17.33 3.25
N HIS A 56 15.29 -18.42 3.61
CA HIS A 56 15.04 -18.77 5.01
C HIS A 56 16.13 -19.72 5.46
N HIS A 57 16.84 -19.37 6.54
CA HIS A 57 17.96 -20.15 7.00
C HIS A 57 18.14 -19.96 8.50
N LEU A 58 18.88 -20.87 9.11
CA LEU A 58 19.20 -20.80 10.53
C LEU A 58 20.70 -20.93 10.73
N ASP A 59 21.21 -20.23 11.73
CA ASP A 59 22.64 -20.24 11.98
C ASP A 59 23.13 -21.59 12.49
N GLU A 60 22.23 -22.40 13.04
CA GLU A 60 22.60 -23.69 13.60
C GLU A 60 22.65 -24.79 12.55
N CYS A 61 21.76 -24.76 11.56
CA CYS A 61 21.63 -25.88 10.62
C CYS A 61 22.90 -26.04 9.80
N PRO A 62 23.56 -27.19 9.84
CA PRO A 62 24.74 -27.41 8.98
C PRO A 62 24.44 -27.33 7.50
N HIS A 63 23.25 -27.78 7.09
CA HIS A 63 22.86 -27.65 5.69
C HIS A 63 22.78 -26.19 5.28
N SER A 64 22.24 -25.35 6.17
CA SER A 64 22.17 -23.92 5.88
C SER A 64 23.56 -23.33 5.70
N GLN A 65 24.51 -23.72 6.55
CA GLN A 65 25.87 -23.21 6.43
C GLN A 65 26.53 -23.67 5.14
N ALA A 66 26.34 -24.94 4.77
CA ALA A 66 26.92 -25.45 3.53
C ALA A 66 26.34 -24.72 2.31
N LEU A 67 25.02 -24.54 2.29
CA LEU A 67 24.41 -23.81 1.18
C LEU A 67 24.85 -22.36 1.17
N LYS A 68 25.05 -21.75 2.35
CA LYS A 68 25.55 -20.39 2.41
C LYS A 68 26.94 -20.28 1.80
N LYS A 69 27.82 -21.23 2.14
CA LYS A 69 29.15 -21.23 1.56
C LYS A 69 29.10 -21.38 0.05
N VAL A 70 28.30 -22.31 -0.44
CA VAL A 70 28.21 -22.53 -1.89
C VAL A 70 27.62 -21.32 -2.59
N PHE A 71 26.58 -20.72 -2.01
CA PHE A 71 25.94 -19.55 -2.59
C PHE A 71 26.90 -18.37 -2.65
N ALA A 72 27.66 -18.16 -1.57
CA ALA A 72 28.62 -17.05 -1.55
C ALA A 72 29.73 -17.26 -2.56
N GLU A 73 30.24 -18.50 -2.67
CA GLU A 73 31.37 -18.74 -3.55
C GLU A 73 30.98 -18.86 -5.03
N ASN A 74 29.68 -18.86 -5.35
CA ASN A 74 29.25 -19.00 -6.74
C ASN A 74 29.27 -17.63 -7.42
N LYS A 75 30.17 -17.47 -8.39
CA LYS A 75 30.26 -16.20 -9.10
C LYS A 75 29.08 -15.98 -10.04
N GLU A 76 28.60 -17.04 -10.68
CA GLU A 76 27.44 -16.90 -11.57
C GLU A 76 26.20 -16.47 -10.81
N ILE A 77 25.99 -17.05 -9.61
CA ILE A 77 24.85 -16.66 -8.79
C ILE A 77 25.04 -15.24 -8.28
N GLN A 78 26.27 -14.89 -7.88
CA GLN A 78 26.52 -13.55 -7.35
C GLN A 78 26.27 -12.48 -8.40
N LYS A 79 26.72 -12.71 -9.64
CA LYS A 79 26.51 -11.72 -10.69
C LYS A 79 25.03 -11.58 -11.03
N LEU A 80 24.30 -12.70 -11.06
CA LEU A 80 22.88 -12.66 -11.39
C LEU A 80 22.03 -12.11 -10.24
N ALA A 81 22.46 -12.27 -8.99
CA ALA A 81 21.67 -11.83 -7.85
C ALA A 81 21.50 -10.31 -7.81
N GLU A 82 22.36 -9.55 -8.50
CA GLU A 82 22.24 -8.11 -8.49
C GLU A 82 21.00 -7.61 -9.22
N GLN A 83 20.39 -8.43 -10.06
CA GLN A 83 19.13 -8.09 -10.71
C GLN A 83 17.92 -8.41 -9.85
N PHE A 84 18.13 -8.98 -8.67
CA PHE A 84 17.06 -9.37 -7.78
C PHE A 84 16.95 -8.39 -6.61
N VAL A 85 15.83 -8.47 -5.91
CA VAL A 85 15.69 -7.87 -4.59
C VAL A 85 15.94 -8.98 -3.58
N LEU A 86 16.95 -8.81 -2.74
CA LEU A 86 17.42 -9.88 -1.89
C LEU A 86 16.92 -9.73 -0.47
N LEU A 87 16.70 -10.86 0.20
CA LEU A 87 16.24 -10.89 1.58
C LEU A 87 16.54 -12.25 2.17
N ASN A 88 17.31 -12.28 3.25
CA ASN A 88 17.56 -13.51 3.99
C ASN A 88 17.07 -13.32 5.41
N LEU A 89 16.35 -14.32 5.93
CA LEU A 89 15.71 -14.23 7.23
C LEU A 89 16.10 -15.44 8.07
N VAL A 90 16.22 -15.22 9.37
CA VAL A 90 16.43 -16.31 10.33
C VAL A 90 15.19 -16.58 11.16
N TYR A 91 14.17 -15.74 11.07
CA TYR A 91 12.92 -15.95 11.78
C TYR A 91 11.77 -15.97 10.77
N GLU A 92 10.86 -16.93 10.96
CA GLU A 92 9.77 -17.10 10.00
C GLU A 92 8.82 -15.92 10.03
N THR A 93 8.41 -15.47 8.84
CA THR A 93 7.49 -14.36 8.72
C THR A 93 6.06 -14.84 8.97
N THR A 94 5.16 -13.88 9.19
CA THR A 94 3.76 -14.22 9.43
C THR A 94 3.08 -14.73 8.18
N ASP A 95 3.58 -14.36 7.00
CA ASP A 95 2.94 -14.74 5.75
C ASP A 95 2.98 -16.25 5.57
N LYS A 96 1.80 -16.87 5.53
CA LYS A 96 1.70 -18.31 5.30
C LYS A 96 2.06 -18.69 3.87
N HIS A 97 1.98 -17.73 2.93
CA HIS A 97 2.27 -18.03 1.54
C HIS A 97 3.72 -18.46 1.33
N LEU A 98 4.61 -18.04 2.22
CA LEU A 98 6.02 -18.41 2.11
C LEU A 98 6.32 -19.76 2.75
N SER A 99 5.32 -20.47 3.26
CA SER A 99 5.48 -21.82 3.79
C SER A 99 4.44 -22.73 3.18
N PRO A 100 4.48 -22.96 1.86
CA PRO A 100 3.43 -23.74 1.20
C PRO A 100 3.45 -25.22 1.58
N ASP A 101 4.57 -25.73 2.09
CA ASP A 101 4.64 -27.14 2.46
C ASP A 101 5.41 -27.37 3.76
N GLY A 102 5.61 -26.33 4.57
CA GLY A 102 6.33 -26.47 5.82
C GLY A 102 7.28 -25.33 6.08
N GLN A 103 7.96 -25.36 7.22
CA GLN A 103 8.88 -24.30 7.63
C GLN A 103 10.30 -24.81 7.79
N TYR A 104 10.69 -25.80 6.99
CA TYR A 104 12.05 -26.32 7.04
C TYR A 104 13.03 -25.26 6.55
N VAL A 105 14.32 -25.50 6.79
CA VAL A 105 15.37 -24.62 6.28
C VAL A 105 16.46 -25.49 5.66
N PRO A 106 17.17 -24.99 4.64
CA PRO A 106 16.99 -23.70 3.95
C PRO A 106 15.88 -23.71 2.90
N ARG A 107 15.20 -22.58 2.71
CA ARG A 107 14.23 -22.40 1.65
C ARG A 107 14.62 -21.20 0.82
N ILE A 108 14.41 -21.27 -0.49
CA ILE A 108 14.58 -20.14 -1.38
C ILE A 108 13.30 -19.98 -2.18
N MET A 109 12.58 -18.88 -1.95
CA MET A 109 11.29 -18.62 -2.57
C MET A 109 11.36 -17.33 -3.37
N PHE A 110 10.66 -17.30 -4.50
CA PHE A 110 10.72 -16.18 -5.43
C PHE A 110 9.35 -15.52 -5.50
N VAL A 111 9.32 -14.20 -5.51
CA VAL A 111 8.09 -13.42 -5.56
C VAL A 111 8.13 -12.53 -6.79
N ASP A 112 7.11 -12.66 -7.63
CA ASP A 112 6.93 -11.80 -8.78
C ASP A 112 6.61 -10.37 -8.32
N PRO A 113 7.18 -9.35 -8.97
CA PRO A 113 6.80 -7.96 -8.64
C PRO A 113 5.31 -7.67 -8.69
N SER A 114 4.47 -8.57 -9.20
CA SER A 114 3.03 -8.40 -9.08
C SER A 114 2.49 -8.88 -7.73
N LEU A 115 3.36 -9.03 -6.74
CA LEU A 115 3.01 -9.52 -5.40
C LEU A 115 2.43 -10.94 -5.45
N THR A 116 2.80 -11.71 -6.46
CA THR A 116 2.40 -13.10 -6.55
C THR A 116 3.59 -14.01 -6.22
N VAL A 117 3.33 -14.98 -5.35
CA VAL A 117 4.36 -15.95 -4.93
C VAL A 117 4.52 -16.97 -6.04
N ARG A 118 5.76 -17.15 -6.50
CA ARG A 118 6.06 -18.09 -7.59
C ARG A 118 6.27 -19.48 -6.98
N ALA A 119 5.16 -20.12 -6.64
CA ALA A 119 5.21 -21.48 -6.12
C ALA A 119 5.53 -22.51 -7.21
N ASP A 120 5.47 -22.11 -8.48
CA ASP A 120 5.85 -23.02 -9.56
C ASP A 120 7.34 -23.33 -9.52
N ILE A 121 8.16 -22.35 -9.15
CA ILE A 121 9.60 -22.53 -9.05
C ILE A 121 9.92 -23.42 -7.86
N THR A 122 10.35 -24.64 -8.14
CA THR A 122 10.63 -25.63 -7.11
C THR A 122 12.05 -26.15 -7.23
N GLY A 123 12.51 -26.79 -6.16
CA GLY A 123 13.80 -27.45 -6.17
C GLY A 123 13.74 -28.81 -6.82
N ARG A 124 14.38 -29.80 -6.19
CA ARG A 124 14.46 -31.14 -6.74
C ARG A 124 13.81 -32.19 -5.86
N TYR A 125 13.07 -31.78 -4.83
CA TYR A 125 12.45 -32.69 -3.89
C TYR A 125 10.97 -32.42 -3.81
N SER A 126 10.16 -33.48 -3.94
CA SER A 126 8.71 -33.32 -3.89
C SER A 126 8.25 -32.95 -2.48
N ASN A 127 8.79 -33.60 -1.46
CA ASN A 127 8.40 -33.30 -0.09
C ASN A 127 8.83 -31.89 0.32
N ARG A 128 10.04 -31.50 -0.04
CA ARG A 128 10.57 -30.17 0.27
C ARG A 128 10.70 -29.43 -1.06
N LEU A 129 9.64 -28.73 -1.44
CA LEU A 129 9.55 -28.12 -2.76
C LEU A 129 10.48 -26.93 -2.94
N TYR A 130 11.10 -26.42 -1.88
CA TYR A 130 11.94 -25.24 -2.00
C TYR A 130 13.27 -25.38 -1.28
N ALA A 131 13.60 -26.57 -0.80
CA ALA A 131 14.87 -26.80 -0.12
C ALA A 131 15.93 -27.20 -1.16
N TYR A 132 17.03 -26.46 -1.18
CA TYR A 132 18.15 -26.74 -2.04
C TYR A 132 19.30 -27.34 -1.26
N GLU A 133 20.25 -27.90 -1.98
CA GLU A 133 21.44 -28.53 -1.43
C GLU A 133 22.67 -27.98 -2.14
N PRO A 134 23.86 -28.10 -1.52
CA PRO A 134 25.06 -27.55 -2.16
C PRO A 134 25.37 -28.10 -3.54
N ALA A 135 24.88 -29.29 -3.88
CA ALA A 135 25.09 -29.86 -5.20
C ALA A 135 24.11 -29.34 -6.24
N ASP A 136 23.19 -28.45 -5.87
CA ASP A 136 22.16 -27.94 -6.76
C ASP A 136 22.46 -26.51 -7.22
N THR A 137 23.72 -26.21 -7.54
CA THR A 137 24.06 -24.87 -8.01
C THR A 137 23.34 -24.54 -9.30
N ALA A 138 23.45 -25.41 -10.30
CA ALA A 138 22.87 -25.13 -11.61
C ALA A 138 21.36 -25.05 -11.55
N LEU A 139 20.73 -25.92 -10.76
CA LEU A 139 19.28 -25.89 -10.63
C LEU A 139 18.81 -24.57 -10.02
N LEU A 140 19.51 -24.10 -8.98
CA LEU A 140 19.14 -22.82 -8.38
C LEU A 140 19.37 -21.67 -9.34
N LEU A 141 20.46 -21.71 -10.11
CA LEU A 141 20.73 -20.65 -11.08
C LEU A 141 19.65 -20.62 -12.16
N ASP A 142 19.25 -21.78 -12.66
CA ASP A 142 18.17 -21.83 -13.65
C ASP A 142 16.85 -21.36 -13.05
N ASN A 143 16.61 -21.67 -11.78
CA ASN A 143 15.39 -21.19 -11.14
C ASN A 143 15.39 -19.66 -11.02
N MET A 144 16.55 -19.08 -10.70
CA MET A 144 16.66 -17.62 -10.67
C MET A 144 16.42 -17.03 -12.05
N LYS A 145 17.00 -17.63 -13.09
CA LYS A 145 16.77 -17.14 -14.45
C LYS A 145 15.29 -17.24 -14.82
N LYS A 146 14.63 -18.33 -14.43
CA LYS A 146 13.20 -18.47 -14.68
C LYS A 146 12.41 -17.40 -13.94
N ALA A 147 12.80 -17.10 -12.70
CA ALA A 147 12.15 -16.02 -11.96
C ALA A 147 12.35 -14.68 -12.64
N LEU A 148 13.48 -14.50 -13.34
CA LEU A 148 13.70 -13.27 -14.10
C LEU A 148 12.65 -13.07 -15.20
N LYS A 149 12.03 -14.15 -15.67
CA LYS A 149 10.95 -14.04 -16.66
C LYS A 149 9.66 -13.76 -15.91
N LEU A 150 9.30 -12.47 -15.84
CA LEU A 150 8.18 -12.04 -15.02
C LEU A 150 6.86 -12.55 -15.58
N LEU A 151 5.91 -12.79 -14.69
CA LEU A 151 4.59 -13.26 -15.09
C LEU A 151 3.84 -12.17 -15.83
N LYS A 152 2.82 -12.58 -16.58
CA LYS A 152 2.02 -11.66 -17.37
C LYS A 152 0.88 -11.10 -16.53
N THR A 153 0.22 -10.07 -17.08
CA THR A 153 -0.89 -9.42 -16.40
C THR A 153 -1.91 -8.87 -17.39
N PRO B 21 29.77 -5.10 4.92
CA PRO B 21 29.52 -3.77 4.35
C PRO B 21 28.19 -3.20 4.83
N GLN B 22 27.10 -3.91 4.59
CA GLN B 22 25.78 -3.50 5.04
C GLN B 22 25.57 -4.01 6.46
N THR B 23 25.32 -3.09 7.39
CA THR B 23 25.24 -3.40 8.80
C THR B 23 23.83 -3.16 9.33
N LEU B 24 23.48 -3.94 10.35
CA LEU B 24 22.19 -3.75 11.01
C LEU B 24 22.15 -2.44 11.79
N SER B 25 23.29 -2.01 12.35
CA SER B 25 23.29 -0.81 13.18
C SER B 25 22.93 0.42 12.37
N ARG B 26 23.39 0.51 11.13
CA ARG B 26 23.19 1.65 10.24
C ARG B 26 23.78 2.94 10.81
N GLY B 27 24.68 2.83 11.78
CA GLY B 27 25.35 3.98 12.36
C GLY B 27 24.80 4.42 13.71
N TRP B 28 23.84 3.68 14.27
CA TRP B 28 23.26 4.04 15.56
C TRP B 28 23.98 3.40 16.73
N GLY B 29 25.09 2.71 16.49
CA GLY B 29 25.83 2.05 17.53
C GLY B 29 26.19 0.65 17.12
N ASP B 30 27.48 0.32 17.12
CA ASP B 30 27.93 -0.93 16.53
C ASP B 30 28.16 -2.02 17.57
N GLN B 31 28.49 -1.64 18.80
CA GLN B 31 28.72 -2.61 19.86
C GLN B 31 27.42 -3.12 20.47
N LEU B 32 26.28 -2.85 19.84
CA LEU B 32 24.98 -3.26 20.33
C LEU B 32 24.39 -4.35 19.42
N ILE B 33 23.55 -5.19 20.00
CA ILE B 33 22.91 -6.27 19.26
C ILE B 33 21.57 -5.76 18.74
N TRP B 34 21.40 -5.77 17.42
CA TRP B 34 20.19 -5.29 16.79
C TRP B 34 19.40 -6.42 16.17
N THR B 35 18.08 -6.29 16.23
CA THR B 35 17.17 -7.25 15.62
C THR B 35 16.88 -6.85 14.17
N GLN B 36 16.69 -7.86 13.31
CA GLN B 36 16.47 -7.59 11.91
C GLN B 36 15.01 -7.24 11.62
N THR B 37 14.08 -8.04 12.12
CA THR B 37 12.66 -7.92 11.77
C THR B 37 11.83 -7.61 13.00
N TYR B 38 10.65 -7.03 12.75
CA TYR B 38 9.74 -6.67 13.84
C TYR B 38 9.23 -7.90 14.58
N GLU B 39 8.88 -8.96 13.84
CA GLU B 39 8.32 -10.15 14.47
C GLU B 39 9.33 -10.85 15.39
N GLU B 40 10.57 -11.00 14.93
CA GLU B 40 11.60 -11.56 15.80
C GLU B 40 11.88 -10.64 16.98
N ALA B 41 11.78 -9.33 16.77
CA ALA B 41 11.95 -8.39 17.88
C ALA B 41 10.87 -8.58 18.94
N LEU B 42 9.62 -8.74 18.51
CA LEU B 42 8.54 -9.01 19.45
C LEU B 42 8.75 -10.33 20.16
N TYR B 43 9.20 -11.35 19.44
CA TYR B 43 9.47 -12.65 20.06
C TYR B 43 10.55 -12.52 21.12
N LYS B 44 11.63 -11.81 20.81
CA LYS B 44 12.70 -11.60 21.78
C LYS B 44 12.21 -10.81 22.99
N SER B 45 11.40 -9.77 22.76
CA SER B 45 10.92 -8.96 23.87
C SER B 45 10.00 -9.77 24.78
N LYS B 46 9.16 -10.62 24.19
CA LYS B 46 8.27 -11.46 25.00
C LYS B 46 9.05 -12.51 25.77
N THR B 47 10.02 -13.16 25.13
CA THR B 47 10.73 -14.25 25.79
C THR B 47 11.69 -13.74 26.86
N SER B 48 12.45 -12.69 26.55
CA SER B 48 13.48 -12.19 27.46
C SER B 48 12.97 -11.11 28.40
N ASN B 49 11.72 -10.69 28.28
CA ASN B 49 11.12 -9.68 29.15
C ASN B 49 11.86 -8.35 29.09
N LYS B 50 12.43 -8.04 27.93
CA LYS B 50 13.12 -6.78 27.70
C LYS B 50 12.26 -5.86 26.87
N PRO B 51 12.11 -4.59 27.25
CA PRO B 51 11.35 -3.65 26.41
C PRO B 51 12.01 -3.46 25.05
N LEU B 52 11.18 -3.28 24.04
CA LEU B 52 11.64 -3.11 22.66
C LEU B 52 11.65 -1.63 22.31
N MET B 53 12.78 -1.16 21.79
CA MET B 53 12.91 0.21 21.30
C MET B 53 13.04 0.20 19.79
N ILE B 54 12.24 1.02 19.13
CA ILE B 54 12.19 1.08 17.68
C ILE B 54 12.56 2.49 17.24
N ILE B 55 13.54 2.60 16.36
CA ILE B 55 13.99 3.89 15.83
C ILE B 55 13.65 3.92 14.35
N HIS B 56 12.79 4.86 13.97
CA HIS B 56 12.46 5.08 12.57
C HIS B 56 13.30 6.24 12.06
N HIS B 57 13.97 6.02 10.93
CA HIS B 57 14.90 7.02 10.41
C HIS B 57 15.08 6.78 8.92
N LEU B 58 15.67 7.78 8.25
CA LEU B 58 15.99 7.69 6.83
C LEU B 58 17.42 8.15 6.61
N ASP B 59 18.07 7.55 5.62
CA ASP B 59 19.46 7.89 5.31
C ASP B 59 19.59 9.20 4.55
N GLU B 60 18.50 9.70 3.96
CA GLU B 60 18.52 10.96 3.24
C GLU B 60 17.94 12.11 4.05
N CYS B 61 17.73 11.91 5.35
CA CYS B 61 17.18 12.94 6.21
C CYS B 61 18.27 13.53 7.09
N PRO B 62 18.62 14.81 6.93
CA PRO B 62 19.66 15.40 7.79
C PRO B 62 19.31 15.36 9.27
N HIS B 63 18.02 15.48 9.60
CA HIS B 63 17.62 15.36 11.01
C HIS B 63 17.96 13.98 11.55
N SER B 64 17.68 12.94 10.78
CA SER B 64 18.02 11.58 11.20
C SER B 64 19.53 11.43 11.33
N GLN B 65 20.30 12.04 10.43
CA GLN B 65 21.75 11.93 10.50
C GLN B 65 22.30 12.58 11.77
N ALA B 66 21.80 13.78 12.10
CA ALA B 66 22.26 14.46 13.30
C ALA B 66 21.87 13.69 14.56
N LEU B 67 20.63 13.20 14.60
CA LEU B 67 20.21 12.40 15.76
C LEU B 67 21.02 11.12 15.85
N LYS B 68 21.37 10.54 14.71
CA LYS B 68 22.23 9.35 14.69
C LYS B 68 23.59 9.65 15.30
N LYS B 69 24.17 10.79 14.93
CA LYS B 69 25.46 11.17 15.48
C LYS B 69 25.38 11.33 17.00
N VAL B 70 24.37 12.06 17.47
CA VAL B 70 24.25 12.28 18.91
C VAL B 70 23.99 10.98 19.65
N PHE B 71 23.12 10.12 19.09
CA PHE B 71 22.81 8.84 19.72
C PHE B 71 24.04 7.94 19.80
N ALA B 72 24.84 7.91 18.74
CA ALA B 72 26.00 7.03 18.72
C ALA B 72 27.11 7.56 19.63
N GLU B 73 27.22 8.88 19.77
CA GLU B 73 28.29 9.48 20.57
C GLU B 73 27.83 9.86 21.97
N ASN B 74 26.93 9.07 22.57
CA ASN B 74 26.44 9.31 23.92
C ASN B 74 26.72 8.06 24.75
N LYS B 75 27.58 8.19 25.76
CA LYS B 75 27.99 7.02 26.54
C LYS B 75 26.81 6.43 27.31
N GLU B 76 26.01 7.29 27.94
CA GLU B 76 24.93 6.80 28.79
C GLU B 76 23.86 6.08 27.97
N ILE B 77 23.54 6.61 26.80
CA ILE B 77 22.51 5.97 25.97
C ILE B 77 22.99 4.60 25.51
N GLN B 78 24.25 4.50 25.09
CA GLN B 78 24.79 3.20 24.69
C GLN B 78 24.81 2.23 25.85
N LYS B 79 25.15 2.70 27.05
CA LYS B 79 25.14 1.83 28.23
C LYS B 79 23.74 1.34 28.56
N LEU B 80 22.74 2.22 28.45
CA LEU B 80 21.37 1.82 28.78
C LEU B 80 20.73 1.02 27.66
N ALA B 81 21.25 1.12 26.43
CA ALA B 81 20.64 0.44 25.29
C ALA B 81 20.81 -1.07 25.36
N GLU B 82 21.75 -1.57 26.16
CA GLU B 82 21.92 -3.02 26.25
C GLU B 82 20.80 -3.69 27.03
N GLN B 83 20.04 -2.92 27.80
CA GLN B 83 18.90 -3.46 28.54
C GLN B 83 17.63 -3.54 27.70
N PHE B 84 17.74 -3.31 26.40
CA PHE B 84 16.59 -3.28 25.50
C PHE B 84 16.78 -4.28 24.38
N VAL B 85 15.69 -4.49 23.63
CA VAL B 85 15.74 -5.15 22.34
C VAL B 85 15.70 -4.05 21.28
N LEU B 86 16.75 -3.94 20.49
CA LEU B 86 16.92 -2.79 19.62
C LEU B 86 16.51 -3.13 18.19
N LEU B 87 15.98 -2.12 17.49
CA LEU B 87 15.53 -2.28 16.12
C LEU B 87 15.42 -0.91 15.49
N ASN B 88 16.12 -0.69 14.38
CA ASN B 88 16.00 0.53 13.60
C ASN B 88 15.56 0.17 12.19
N LEU B 89 14.56 0.88 11.69
CA LEU B 89 13.95 0.58 10.40
C LEU B 89 13.97 1.81 9.52
N VAL B 90 14.36 1.62 8.25
CA VAL B 90 14.30 2.70 7.27
C VAL B 90 12.95 2.74 6.55
N TYR B 91 12.09 1.76 6.75
CA TYR B 91 10.78 1.70 6.13
C TYR B 91 9.73 1.54 7.21
N GLU B 92 8.51 1.97 6.89
CA GLU B 92 7.43 1.91 7.88
C GLU B 92 7.07 0.47 8.20
N THR B 93 6.78 0.22 9.47
CA THR B 93 6.40 -1.11 9.93
C THR B 93 4.96 -1.42 9.50
N THR B 94 4.61 -2.71 9.55
CA THR B 94 3.26 -3.15 9.23
C THR B 94 2.29 -2.94 10.37
N ASP B 95 2.78 -2.59 11.57
CA ASP B 95 1.91 -2.40 12.72
C ASP B 95 1.28 -1.02 12.69
N LYS B 96 -0.04 -0.97 12.86
CA LYS B 96 -0.75 0.30 12.84
C LYS B 96 -0.51 1.11 14.11
N HIS B 97 -0.28 0.44 15.23
CA HIS B 97 -0.12 1.12 16.51
C HIS B 97 1.20 1.88 16.64
N LEU B 98 2.15 1.67 15.73
CA LEU B 98 3.46 2.29 15.85
C LEU B 98 3.51 3.70 15.30
N SER B 99 2.46 4.17 14.63
CA SER B 99 2.38 5.54 14.12
C SER B 99 1.04 6.14 14.57
N PRO B 100 0.91 6.47 15.85
CA PRO B 100 -0.38 6.98 16.34
C PRO B 100 -0.74 8.35 15.80
N ASP B 101 0.24 9.18 15.45
CA ASP B 101 -0.03 10.55 15.01
C ASP B 101 0.79 10.91 13.78
N GLY B 102 1.02 9.94 12.90
CA GLY B 102 1.69 10.22 11.65
C GLY B 102 2.92 9.37 11.37
N GLN B 103 3.36 9.38 10.12
CA GLN B 103 4.51 8.60 9.68
C GLN B 103 5.62 9.57 9.29
N TYR B 104 6.56 9.80 10.20
CA TYR B 104 7.64 10.76 10.00
C TYR B 104 8.91 10.21 10.64
N VAL B 105 10.04 10.80 10.27
CA VAL B 105 11.34 10.39 10.82
C VAL B 105 12.14 11.63 11.18
N PRO B 106 13.01 11.58 12.20
CA PRO B 106 13.28 10.47 13.11
C PRO B 106 12.19 10.31 14.17
N ARG B 107 11.85 9.08 14.54
CA ARG B 107 10.75 8.81 15.45
C ARG B 107 11.07 7.56 16.27
N ILE B 108 11.07 7.71 17.60
CA ILE B 108 11.46 6.64 18.50
C ILE B 108 10.23 6.22 19.30
N MET B 109 9.88 4.93 19.21
CA MET B 109 8.72 4.38 19.89
C MET B 109 9.14 3.20 20.75
N PHE B 110 8.40 2.97 21.83
CA PHE B 110 8.73 1.94 22.81
C PHE B 110 7.60 0.92 22.89
N VAL B 111 7.96 -0.34 23.10
CA VAL B 111 7.01 -1.43 23.23
C VAL B 111 7.33 -2.19 24.52
N ASP B 112 6.30 -2.43 25.34
CA ASP B 112 6.48 -3.21 26.54
C ASP B 112 6.63 -4.69 26.20
N PRO B 113 7.32 -5.46 27.03
CA PRO B 113 7.39 -6.92 26.80
C PRO B 113 6.04 -7.61 26.85
N SER B 114 5.01 -6.95 27.37
CA SER B 114 3.63 -7.43 27.36
C SER B 114 3.00 -7.33 25.96
N LEU B 115 3.82 -7.02 24.96
CA LEU B 115 3.37 -6.80 23.59
C LEU B 115 2.38 -5.64 23.50
N THR B 116 2.53 -4.66 24.39
CA THR B 116 1.69 -3.48 24.41
C THR B 116 2.55 -2.27 24.04
N VAL B 117 2.15 -1.57 22.98
CA VAL B 117 2.91 -0.40 22.54
C VAL B 117 2.77 0.71 23.57
N ARG B 118 3.90 1.28 23.98
CA ARG B 118 3.91 2.36 24.97
C ARG B 118 3.80 3.70 24.25
N ALA B 119 2.62 3.95 23.71
CA ALA B 119 2.36 5.24 23.06
C ALA B 119 2.26 6.39 24.05
N ASP B 120 2.19 6.09 25.35
CA ASP B 120 2.18 7.14 26.37
C ASP B 120 3.56 7.75 26.61
N ILE B 121 4.62 7.06 26.18
CA ILE B 121 5.97 7.59 26.30
C ILE B 121 6.21 8.47 25.06
N THR B 122 6.15 9.78 25.27
CA THR B 122 6.24 10.75 24.19
C THR B 122 7.43 11.68 24.42
N GLY B 123 7.73 12.47 23.40
CA GLY B 123 8.84 13.40 23.45
C GLY B 123 8.50 14.72 24.11
N ARG B 124 9.02 15.81 23.54
CA ARG B 124 8.83 17.15 24.09
C ARG B 124 8.00 18.05 23.20
N TYR B 125 7.54 17.57 22.05
CA TYR B 125 6.87 18.40 21.05
C TYR B 125 5.45 17.92 20.83
N SER B 126 4.56 18.84 20.47
CA SER B 126 3.13 18.54 20.40
C SER B 126 2.67 18.07 19.03
N ASN B 127 3.18 18.64 17.95
CA ASN B 127 2.75 18.22 16.62
C ASN B 127 3.28 16.84 16.27
N ARG B 128 4.52 16.55 16.63
CA ARG B 128 5.12 15.23 16.45
C ARG B 128 5.33 14.64 17.83
N LEU B 129 4.42 13.73 18.22
CA LEU B 129 4.42 13.21 19.58
C LEU B 129 5.66 12.40 19.92
N TYR B 130 6.35 11.84 18.92
CA TYR B 130 7.45 10.92 19.17
C TYR B 130 8.72 11.30 18.43
N ALA B 131 8.90 12.58 18.11
CA ALA B 131 10.09 13.06 17.41
C ALA B 131 11.10 13.60 18.41
N TYR B 132 12.35 13.24 18.21
CA TYR B 132 13.45 13.67 19.08
C TYR B 132 14.45 14.49 18.27
N GLU B 133 14.93 15.56 18.86
CA GLU B 133 15.91 16.45 18.26
C GLU B 133 17.30 16.10 18.74
N PRO B 134 18.35 16.60 18.08
CA PRO B 134 19.71 16.33 18.59
C PRO B 134 20.07 17.23 19.76
N ALA B 135 19.11 17.40 20.68
CA ALA B 135 19.35 18.02 21.97
C ALA B 135 18.56 17.35 23.08
N ASP B 136 17.57 16.53 22.76
CA ASP B 136 16.74 15.84 23.75
C ASP B 136 17.30 14.45 24.03
N THR B 137 18.56 14.42 24.47
CA THR B 137 19.16 13.17 24.91
C THR B 137 18.87 12.88 26.38
N ALA B 138 18.80 13.92 27.21
CA ALA B 138 18.33 13.72 28.57
C ALA B 138 16.88 13.26 28.58
N LEU B 139 16.05 13.85 27.72
CA LEU B 139 14.66 13.41 27.61
C LEU B 139 14.57 11.97 27.11
N LEU B 140 15.42 11.61 26.14
CA LEU B 140 15.43 10.24 25.65
C LEU B 140 15.85 9.27 26.75
N LEU B 141 16.85 9.64 27.55
CA LEU B 141 17.27 8.80 28.66
C LEU B 141 16.13 8.64 29.68
N ASP B 142 15.45 9.75 30.00
CA ASP B 142 14.34 9.68 30.93
C ASP B 142 13.23 8.77 30.41
N ASN B 143 12.93 8.88 29.11
CA ASN B 143 11.89 8.05 28.52
C ASN B 143 12.30 6.59 28.51
N MET B 144 13.58 6.29 28.25
CA MET B 144 14.04 4.91 28.31
C MET B 144 13.93 4.34 29.72
N LYS B 145 14.31 5.13 30.73
CA LYS B 145 14.18 4.68 32.11
C LYS B 145 12.71 4.45 32.47
N LYS B 146 11.82 5.33 31.98
CA LYS B 146 10.39 5.13 32.19
C LYS B 146 9.90 3.85 31.52
N ALA B 147 10.39 3.57 30.31
CA ALA B 147 10.01 2.36 29.61
C ALA B 147 10.50 1.12 30.34
N LEU B 148 11.65 1.21 31.02
CA LEU B 148 12.13 0.06 31.78
C LEU B 148 11.22 -0.29 32.94
N LYS B 149 10.38 0.63 33.40
CA LYS B 149 9.40 0.33 34.44
C LYS B 149 8.22 -0.39 33.79
N LEU B 150 8.21 -1.72 33.91
CA LEU B 150 7.23 -2.54 33.22
C LEU B 150 5.84 -2.35 33.81
N LEU B 151 4.84 -2.44 32.95
CA LEU B 151 3.45 -2.30 33.36
C LEU B 151 3.03 -3.42 34.31
N ARG C 2 -20.94 14.72 -36.19
CA ARG C 2 -19.83 13.80 -36.39
C ARG C 2 -19.39 13.18 -35.07
N PRO C 3 -18.93 11.93 -35.11
CA PRO C 3 -18.45 11.26 -33.89
C PRO C 3 -17.36 12.04 -33.17
N GLU C 4 -16.50 12.71 -33.93
CA GLU C 4 -15.37 13.44 -33.37
C GLU C 4 -15.83 14.56 -32.45
N ASN C 5 -17.02 15.10 -32.68
CA ASN C 5 -17.57 16.18 -31.87
C ASN C 5 -18.32 15.69 -30.64
N LEU C 6 -18.43 14.37 -30.45
CA LEU C 6 -19.14 13.85 -29.29
C LEU C 6 -18.18 13.59 -28.13
N LEU C 7 -18.73 13.60 -26.93
CA LEU C 7 -17.97 13.35 -25.69
C LEU C 7 -18.83 12.44 -24.82
N LEU C 8 -18.65 11.13 -25.00
CA LEU C 8 -19.43 10.16 -24.25
C LEU C 8 -18.99 10.14 -22.79
N VAL C 9 -19.96 10.17 -21.88
CA VAL C 9 -19.70 10.25 -20.45
C VAL C 9 -20.36 9.05 -19.79
N SER C 10 -19.57 8.22 -19.13
CA SER C 10 -20.06 7.06 -18.41
C SER C 10 -20.30 7.44 -16.95
N THR C 11 -21.51 7.15 -16.48
CA THR C 11 -21.90 7.44 -15.11
C THR C 11 -21.97 6.13 -14.31
N LEU C 12 -22.26 6.26 -13.02
CA LEU C 12 -22.27 5.12 -12.11
C LEU C 12 -23.30 4.07 -12.48
N ASP C 13 -24.51 4.48 -12.86
CA ASP C 13 -25.58 3.55 -13.17
C ASP C 13 -25.43 2.91 -14.55
N GLY C 14 -24.30 3.08 -15.22
CA GLY C 14 -24.05 2.44 -16.49
C GLY C 14 -24.53 3.21 -17.70
N SER C 15 -25.18 4.35 -17.52
CA SER C 15 -25.63 5.14 -18.65
C SER C 15 -24.45 5.74 -19.39
N LEU C 16 -24.67 6.02 -20.68
CA LEU C 16 -23.67 6.61 -21.55
C LEU C 16 -24.27 7.88 -22.14
N HIS C 17 -23.94 9.02 -21.58
CA HIS C 17 -24.51 10.30 -21.99
C HIS C 17 -23.61 10.94 -23.05
N ALA C 18 -24.13 11.10 -24.25
CA ALA C 18 -23.40 11.78 -25.33
C ALA C 18 -23.60 13.28 -25.18
N LEU C 19 -22.51 14.03 -25.27
CA LEU C 19 -22.53 15.48 -25.15
C LEU C 19 -21.70 16.09 -26.26
N SER C 20 -22.04 17.33 -26.62
CA SER C 20 -21.20 18.10 -27.51
C SER C 20 -19.95 18.54 -26.76
N LYS C 21 -18.78 18.39 -27.39
CA LYS C 21 -17.54 18.78 -26.71
C LYS C 21 -17.48 20.27 -26.47
N GLN C 22 -17.91 21.08 -27.44
CA GLN C 22 -17.79 22.52 -27.29
C GLN C 22 -18.80 23.08 -26.28
N THR C 23 -20.06 22.67 -26.39
CA THR C 23 -21.15 23.28 -25.64
C THR C 23 -21.57 22.47 -24.43
N GLY C 24 -21.49 21.14 -24.50
CA GLY C 24 -21.92 20.29 -23.41
C GLY C 24 -23.40 19.99 -23.37
N ASP C 25 -24.16 20.32 -24.42
CA ASP C 25 -25.58 20.04 -24.43
C ASP C 25 -25.84 18.54 -24.45
N LEU C 26 -26.94 18.13 -23.83
CA LEU C 26 -27.26 16.72 -23.66
C LEU C 26 -27.85 16.15 -24.94
N LYS C 27 -27.11 15.30 -25.61
CA LYS C 27 -27.56 14.54 -26.76
C LYS C 27 -28.23 13.25 -26.28
N TRP C 28 -28.45 12.31 -27.19
CA TRP C 28 -29.00 11.01 -26.81
C TRP C 28 -28.24 10.40 -25.64
N THR C 29 -28.92 9.56 -24.87
CA THR C 29 -28.32 8.83 -23.77
C THR C 29 -28.57 7.34 -23.95
N LEU C 30 -27.67 6.53 -23.41
CA LEU C 30 -27.77 5.09 -23.50
C LEU C 30 -28.11 4.49 -22.13
N ARG C 31 -28.85 3.39 -22.16
CA ARG C 31 -29.23 2.68 -20.94
C ARG C 31 -28.57 1.31 -20.95
N ASP C 32 -27.80 1.01 -19.91
CA ASP C 32 -27.11 -0.25 -19.79
C ASP C 32 -27.06 -0.65 -18.32
N ASP C 33 -26.43 -1.79 -18.05
CA ASP C 33 -26.33 -2.29 -16.69
C ASP C 33 -25.46 -1.38 -15.84
N PRO C 34 -25.68 -1.38 -14.52
CA PRO C 34 -24.85 -0.54 -13.65
C PRO C 34 -23.38 -0.91 -13.74
N VAL C 35 -22.51 0.09 -13.54
CA VAL C 35 -21.08 -0.12 -13.67
C VAL C 35 -20.56 -1.14 -12.65
N ILE C 36 -20.97 -1.00 -11.39
CA ILE C 36 -20.51 -1.90 -10.34
C ILE C 36 -21.71 -2.33 -9.50
N GLU C 37 -21.59 -3.50 -8.88
CA GLU C 37 -22.63 -4.03 -8.00
C GLU C 37 -22.08 -4.19 -6.58
N MET C 45 -17.56 -8.73 7.53
CA MET C 45 -16.64 -8.39 6.46
C MET C 45 -17.39 -8.06 5.18
N ALA C 46 -16.84 -7.15 4.38
CA ALA C 46 -17.49 -6.72 3.15
C ALA C 46 -16.43 -6.15 2.22
N PHE C 47 -16.81 -5.99 0.95
CA PHE C 47 -15.90 -5.52 -0.09
C PHE C 47 -16.51 -4.29 -0.75
N LEU C 48 -15.76 -3.19 -0.76
CA LEU C 48 -16.15 -1.96 -1.44
C LEU C 48 -15.23 -1.72 -2.62
N SER C 49 -15.80 -1.46 -3.78
CA SER C 49 -15.04 -1.35 -5.02
C SER C 49 -15.10 0.07 -5.56
N ASP C 50 -13.98 0.55 -6.04
CA ASP C 50 -13.94 1.83 -6.75
C ASP C 50 -14.47 1.62 -8.16
N PRO C 51 -15.56 2.28 -8.54
CA PRO C 51 -16.15 2.07 -9.87
C PRO C 51 -15.41 2.78 -11.00
N ALA C 52 -14.29 3.42 -10.72
CA ALA C 52 -13.54 4.14 -11.74
C ALA C 52 -12.29 3.40 -12.19
N ASP C 53 -11.51 2.85 -11.26
CA ASP C 53 -10.28 2.14 -11.59
C ASP C 53 -10.35 0.66 -11.22
N GLY C 54 -11.46 0.19 -10.67
CA GLY C 54 -11.62 -1.21 -10.34
C GLY C 54 -10.92 -1.65 -9.08
N SER C 55 -10.44 -0.71 -8.26
CA SER C 55 -9.76 -1.07 -7.02
C SER C 55 -10.73 -1.70 -6.04
N LEU C 56 -10.20 -2.55 -5.16
CA LEU C 56 -10.99 -3.26 -4.17
C LEU C 56 -10.52 -2.86 -2.77
N TYR C 57 -11.47 -2.85 -1.83
CA TYR C 57 -11.20 -2.43 -0.46
C TYR C 57 -11.77 -3.46 0.51
N ILE C 58 -11.08 -3.63 1.64
CA ILE C 58 -11.47 -4.54 2.69
C ILE C 58 -12.18 -3.74 3.78
N LEU C 59 -13.40 -4.14 4.11
CA LEU C 59 -14.16 -3.48 5.16
C LEU C 59 -13.92 -4.17 6.50
N GLN C 65 -10.39 -3.61 12.45
CA GLN C 65 -9.27 -3.16 11.63
C GLN C 65 -9.62 -1.90 10.84
N GLY C 66 -10.91 -1.68 10.64
CA GLY C 66 -11.37 -0.54 9.88
C GLY C 66 -11.52 -0.85 8.41
N LEU C 67 -11.02 0.03 7.55
CA LEU C 67 -11.06 -0.15 6.11
C LEU C 67 -9.65 -0.07 5.55
N MET C 68 -9.38 -0.91 4.55
CA MET C 68 -8.07 -0.98 3.92
C MET C 68 -8.26 -1.13 2.42
N LYS C 69 -7.15 -1.09 1.68
CA LYS C 69 -7.17 -1.21 0.22
C LYS C 69 -6.40 -2.44 -0.21
N LEU C 70 -7.01 -3.24 -1.08
CA LEU C 70 -6.34 -4.40 -1.63
C LEU C 70 -5.28 -3.97 -2.62
N PRO C 71 -4.17 -4.73 -2.71
CA PRO C 71 -3.13 -4.41 -3.69
C PRO C 71 -3.46 -4.84 -5.11
N PHE C 72 -4.60 -5.48 -5.35
CA PHE C 72 -4.98 -5.96 -6.67
C PHE C 72 -6.35 -5.41 -7.03
N THR C 73 -6.45 -4.86 -8.24
CA THR C 73 -7.75 -4.44 -8.75
C THR C 73 -8.52 -5.65 -9.27
N ILE C 74 -9.78 -5.41 -9.64
CA ILE C 74 -10.65 -6.51 -10.05
C ILE C 74 -10.15 -7.22 -11.30
N PRO C 75 -9.75 -6.53 -12.38
CA PRO C 75 -9.22 -7.28 -13.53
C PRO C 75 -8.00 -8.12 -13.21
N GLU C 76 -7.11 -7.64 -12.33
CA GLU C 76 -5.97 -8.47 -11.93
C GLU C 76 -6.43 -9.73 -11.21
N LEU C 77 -7.42 -9.60 -10.33
CA LEU C 77 -7.95 -10.77 -9.65
C LEU C 77 -8.60 -11.74 -10.63
N VAL C 78 -9.29 -11.21 -11.63
CA VAL C 78 -9.90 -12.07 -12.64
C VAL C 78 -8.84 -12.82 -13.42
N HIS C 79 -7.77 -12.12 -13.82
CA HIS C 79 -6.73 -12.78 -14.59
C HIS C 79 -5.95 -13.78 -13.75
N ALA C 80 -5.85 -13.54 -12.45
CA ALA C 80 -5.13 -14.44 -11.55
C ALA C 80 -6.01 -15.52 -10.95
N SER C 81 -7.31 -15.49 -11.20
CA SER C 81 -8.22 -16.45 -10.58
C SER C 81 -8.00 -17.84 -11.17
N PRO C 82 -8.16 -18.90 -10.37
CA PRO C 82 -8.46 -18.88 -8.93
C PRO C 82 -7.21 -18.56 -8.12
N CYS C 83 -7.32 -17.79 -7.05
CA CYS C 83 -6.18 -17.41 -6.25
C CYS C 83 -6.60 -17.23 -4.80
N ARG C 84 -5.61 -17.07 -3.93
CA ARG C 84 -5.85 -16.84 -2.52
C ARG C 84 -4.82 -15.85 -1.99
N SER C 85 -5.18 -15.14 -0.95
CA SER C 85 -4.33 -14.11 -0.36
C SER C 85 -3.79 -14.58 0.98
N SER C 86 -2.95 -13.74 1.59
CA SER C 86 -2.36 -14.09 2.88
C SER C 86 -3.41 -14.21 3.97
N ASP C 87 -4.52 -13.46 3.83
CA ASP C 87 -5.58 -13.54 4.83
C ASP C 87 -6.26 -14.90 4.81
N GLY C 88 -6.31 -15.54 3.65
CA GLY C 88 -7.01 -16.80 3.47
C GLY C 88 -8.22 -16.73 2.57
N VAL C 89 -8.59 -15.55 2.08
CA VAL C 89 -9.77 -15.40 1.24
C VAL C 89 -9.44 -15.86 -0.17
N PHE C 90 -10.27 -16.76 -0.70
CA PHE C 90 -10.12 -17.21 -2.08
C PHE C 90 -10.87 -16.28 -3.02
N TYR C 91 -10.39 -16.20 -4.25
CA TYR C 91 -10.94 -15.30 -5.27
C TYR C 91 -11.20 -16.09 -6.54
N THR C 92 -12.41 -16.01 -7.06
CA THR C 92 -12.76 -16.53 -8.37
C THR C 92 -13.16 -15.37 -9.27
N GLY C 93 -12.96 -15.54 -10.58
CA GLY C 93 -13.20 -14.46 -11.50
C GLY C 93 -13.59 -14.94 -12.88
N ARG C 94 -14.50 -14.20 -13.51
CA ARG C 94 -14.88 -14.43 -14.89
C ARG C 94 -14.98 -13.09 -15.60
N LYS C 95 -14.76 -13.11 -16.91
CA LYS C 95 -14.86 -11.91 -17.73
C LYS C 95 -15.70 -12.19 -18.96
N GLN C 96 -16.51 -11.21 -19.37
CA GLN C 96 -17.43 -11.39 -20.49
C GLN C 96 -17.61 -10.04 -21.19
N ASP C 97 -17.43 -10.02 -22.50
CA ASP C 97 -17.49 -8.78 -23.26
C ASP C 97 -18.84 -8.61 -23.95
N ALA C 98 -19.06 -7.40 -24.46
CA ALA C 98 -20.26 -7.06 -25.23
C ALA C 98 -19.90 -5.93 -26.19
N TRP C 99 -20.51 -5.96 -27.38
CA TRP C 99 -20.08 -5.12 -28.48
C TRP C 99 -21.26 -4.46 -29.20
N PHE C 100 -22.16 -3.84 -28.43
CA PHE C 100 -23.29 -3.15 -29.03
C PHE C 100 -22.81 -2.01 -29.93
N VAL C 101 -23.51 -1.83 -31.04
CA VAL C 101 -23.18 -0.82 -32.04
C VAL C 101 -24.19 0.31 -31.94
N VAL C 102 -23.71 1.55 -31.92
CA VAL C 102 -24.53 2.73 -31.64
C VAL C 102 -24.44 3.68 -32.82
N ASP C 103 -25.59 4.18 -33.27
CA ASP C 103 -25.60 5.22 -34.28
C ASP C 103 -25.22 6.56 -33.64
N PRO C 104 -24.23 7.28 -34.16
CA PRO C 104 -23.83 8.54 -33.53
C PRO C 104 -24.94 9.57 -33.45
N GLU C 105 -25.91 9.53 -34.35
CA GLU C 105 -26.95 10.57 -34.37
C GLU C 105 -28.08 10.23 -33.41
N SER C 106 -28.73 9.08 -33.61
CA SER C 106 -29.91 8.71 -32.85
C SER C 106 -29.59 7.99 -31.55
N GLY C 107 -28.38 7.46 -31.39
CA GLY C 107 -28.04 6.74 -30.18
C GLY C 107 -28.84 5.47 -29.97
N GLU C 108 -29.04 4.69 -31.02
CA GLU C 108 -29.77 3.44 -30.96
C GLU C 108 -28.81 2.25 -31.00
N THR C 109 -29.30 1.12 -30.48
CA THR C 109 -28.48 -0.09 -30.42
C THR C 109 -28.92 -1.10 -31.45
N PRO C 121 -21.16 6.12 -40.93
CA PRO C 121 -20.26 5.94 -39.79
C PRO C 121 -21.00 5.47 -38.53
N ARG C 122 -20.48 4.43 -37.88
CA ARG C 122 -21.12 3.85 -36.71
C ARG C 122 -20.13 3.79 -35.55
N LEU C 123 -20.68 3.77 -34.35
CA LEU C 123 -19.90 3.78 -33.11
C LEU C 123 -19.74 2.35 -32.63
N TYR C 124 -18.49 1.96 -32.32
CA TYR C 124 -18.17 0.62 -31.85
C TYR C 124 -17.77 0.72 -30.39
N ILE C 125 -18.72 0.49 -29.50
CA ILE C 125 -18.49 0.58 -28.06
C ILE C 125 -18.44 -0.83 -27.49
N GLY C 126 -17.30 -1.18 -26.91
CA GLY C 126 -17.10 -2.48 -26.29
C GLY C 126 -17.03 -2.33 -24.78
N ARG C 127 -17.74 -3.23 -24.09
CA ARG C 127 -17.77 -3.23 -22.64
C ARG C 127 -17.36 -4.60 -22.11
N THR C 128 -16.41 -4.60 -21.19
CA THR C 128 -15.97 -5.81 -20.51
C THR C 128 -16.61 -5.87 -19.13
N GLN C 129 -17.18 -7.01 -18.79
CA GLN C 129 -17.87 -7.20 -17.52
C GLN C 129 -17.04 -8.16 -16.67
N TYR C 130 -16.59 -7.69 -15.51
CA TYR C 130 -15.77 -8.46 -14.60
C TYR C 130 -16.58 -8.83 -13.37
N THR C 131 -16.46 -10.08 -12.93
CA THR C 131 -17.13 -10.58 -11.75
C THR C 131 -16.14 -11.34 -10.88
N VAL C 132 -16.08 -11.00 -9.60
CA VAL C 132 -15.19 -11.67 -8.65
C VAL C 132 -16.02 -12.18 -7.50
N THR C 133 -16.01 -13.50 -7.31
CA THR C 133 -16.72 -14.15 -6.21
C THR C 133 -15.71 -14.57 -5.15
N MET C 134 -15.90 -14.10 -3.93
CA MET C 134 -14.96 -14.34 -2.84
C MET C 134 -15.62 -15.24 -1.81
N HIS C 135 -14.98 -16.38 -1.54
CA HIS C 135 -15.42 -17.30 -0.52
C HIS C 135 -14.26 -17.60 0.41
N ASP C 136 -14.55 -17.67 1.70
CA ASP C 136 -13.56 -17.96 2.73
C ASP C 136 -13.73 -19.38 3.22
N PRO C 137 -12.67 -20.19 3.28
CA PRO C 137 -12.81 -21.56 3.78
C PRO C 137 -13.16 -21.63 5.26
N ARG C 138 -13.03 -20.53 6.00
CA ARG C 138 -13.42 -20.52 7.41
C ARG C 138 -14.95 -20.55 7.54
N ALA C 139 -15.62 -19.56 6.99
CA ALA C 139 -17.08 -19.54 6.97
C ALA C 139 -17.56 -20.37 5.78
N PRO C 140 -18.31 -21.45 6.00
CA PRO C 140 -18.61 -22.37 4.89
C PRO C 140 -19.60 -21.84 3.87
N ALA C 141 -20.65 -21.15 4.28
CA ALA C 141 -21.68 -20.69 3.36
C ALA C 141 -21.65 -19.20 3.10
N LEU C 142 -21.08 -18.42 4.02
CA LEU C 142 -20.98 -16.98 3.84
C LEU C 142 -19.99 -16.65 2.72
N ARG C 143 -20.40 -15.77 1.82
CA ARG C 143 -19.56 -15.39 0.69
C ARG C 143 -20.00 -14.02 0.20
N TRP C 144 -19.20 -13.45 -0.71
CA TRP C 144 -19.44 -12.12 -1.24
C TRP C 144 -19.26 -12.10 -2.75
N ASN C 145 -19.93 -11.16 -3.40
CA ASN C 145 -19.86 -10.97 -4.84
C ASN C 145 -19.47 -9.52 -5.13
N THR C 146 -19.06 -9.29 -6.37
CA THR C 146 -18.79 -7.94 -6.85
C THR C 146 -18.77 -7.96 -8.37
N THR C 147 -19.01 -6.80 -8.97
CA THR C 147 -19.02 -6.64 -10.42
C THR C 147 -18.37 -5.32 -10.77
N TYR C 148 -17.71 -5.27 -11.93
CA TYR C 148 -17.02 -4.07 -12.39
C TYR C 148 -16.94 -4.10 -13.90
N ARG C 149 -17.56 -3.13 -14.55
CA ARG C 149 -17.61 -3.07 -16.01
C ARG C 149 -16.68 -1.97 -16.51
N ARG C 150 -15.79 -2.34 -17.43
CA ARG C 150 -14.80 -1.43 -17.99
C ARG C 150 -15.04 -1.27 -19.48
N TYR C 151 -15.14 -0.03 -19.94
CA TYR C 151 -15.21 0.22 -21.37
C TYR C 151 -13.83 -0.02 -22.01
N SER C 152 -13.86 -0.57 -23.22
CA SER C 152 -12.63 -0.91 -23.95
C SER C 152 -12.11 0.35 -24.63
N ALA C 153 -11.36 1.15 -23.87
CA ALA C 153 -10.79 2.39 -24.36
C ALA C 153 -9.38 2.55 -23.82
N PRO C 154 -8.38 2.77 -24.68
CA PRO C 154 -7.03 3.04 -24.20
C PRO C 154 -6.96 4.38 -23.49
N PRO C 155 -5.98 4.57 -22.60
CA PRO C 155 -5.96 5.77 -21.75
C PRO C 155 -5.54 7.05 -22.45
N MET C 156 -5.54 7.07 -23.79
CA MET C 156 -5.23 8.27 -24.56
C MET C 156 -3.81 8.77 -24.30
N LYS C 162 -1.59 20.19 -20.24
CA LYS C 162 -1.07 21.35 -19.52
C LYS C 162 -1.92 21.64 -18.28
N TYR C 163 -3.23 21.73 -18.48
CA TYR C 163 -4.20 21.80 -17.39
C TYR C 163 -5.29 20.77 -17.64
N MET C 164 -5.84 20.22 -16.56
CA MET C 164 -6.88 19.22 -16.68
C MET C 164 -8.16 19.83 -17.25
N SER C 165 -8.69 19.23 -18.29
CA SER C 165 -9.85 19.77 -18.99
C SER C 165 -11.17 19.34 -18.39
N HIS C 166 -11.24 18.12 -17.86
CA HIS C 166 -12.50 17.54 -17.40
C HIS C 166 -12.42 17.28 -15.90
N LEU C 167 -13.39 17.81 -15.16
CA LEU C 167 -13.49 17.62 -13.72
C LEU C 167 -14.89 17.11 -13.39
N ALA C 168 -14.97 16.13 -12.51
CA ALA C 168 -16.25 15.52 -12.14
C ALA C 168 -16.44 15.60 -10.64
N SER C 169 -17.61 16.08 -10.22
CA SER C 169 -17.95 16.07 -8.81
C SER C 169 -18.13 14.64 -8.32
N CYS C 170 -17.83 14.42 -7.04
CA CYS C 170 -17.91 13.07 -6.48
C CYS C 170 -19.34 12.71 -6.10
N GLY C 171 -19.94 13.49 -5.22
CA GLY C 171 -21.28 13.20 -4.75
C GLY C 171 -22.35 13.41 -5.81
N MET C 172 -22.33 14.56 -6.46
CA MET C 172 -23.29 14.87 -7.50
C MET C 172 -22.71 14.54 -8.88
N GLY C 173 -23.56 14.67 -9.90
CA GLY C 173 -23.16 14.38 -11.25
C GLY C 173 -22.70 15.59 -12.03
N LEU C 174 -22.05 16.54 -11.36
CA LEU C 174 -21.57 17.74 -12.02
C LEU C 174 -20.34 17.41 -12.86
N LEU C 175 -20.30 17.91 -14.08
CA LEU C 175 -19.15 17.76 -14.96
C LEU C 175 -18.72 19.15 -15.42
N LEU C 176 -17.45 19.45 -15.21
CA LEU C 176 -16.87 20.75 -15.57
C LEU C 176 -15.90 20.56 -16.73
N THR C 177 -15.83 21.55 -17.60
CA THR C 177 -14.89 21.56 -18.70
C THR C 177 -14.21 22.92 -18.76
N VAL C 178 -12.96 22.98 -18.31
CA VAL C 178 -12.19 24.21 -18.34
C VAL C 178 -11.18 24.11 -19.48
N ASP C 179 -10.74 25.27 -19.93
CA ASP C 179 -9.85 25.34 -21.09
C ASP C 179 -8.48 24.83 -20.72
N PRO C 180 -7.95 23.81 -21.41
CA PRO C 180 -6.56 23.40 -21.13
C PRO C 180 -5.55 24.50 -21.41
N GLY C 181 -5.86 25.41 -22.33
CA GLY C 181 -4.92 26.47 -22.66
C GLY C 181 -4.72 27.46 -21.53
N SER C 182 -5.80 27.91 -20.90
CA SER C 182 -5.74 28.93 -19.86
C SER C 182 -6.26 28.44 -18.52
N GLY C 183 -7.43 27.81 -18.50
CA GLY C 183 -8.00 27.30 -17.27
C GLY C 183 -9.30 27.96 -16.89
N THR C 184 -10.04 28.44 -17.87
CA THR C 184 -11.33 29.09 -17.65
C THR C 184 -12.46 28.15 -18.03
N VAL C 185 -13.50 28.10 -17.19
CA VAL C 185 -14.61 27.20 -17.44
C VAL C 185 -15.31 27.59 -18.73
N LEU C 186 -15.81 26.58 -19.44
CA LEU C 186 -16.57 26.77 -20.67
C LEU C 186 -18.03 26.34 -20.54
N TRP C 187 -18.27 25.18 -19.95
CA TRP C 187 -19.64 24.68 -19.79
C TRP C 187 -19.69 23.70 -18.63
N THR C 188 -20.75 23.80 -17.84
CA THR C 188 -21.03 22.87 -16.77
C THR C 188 -22.34 22.13 -17.07
N GLN C 189 -22.40 20.88 -16.62
CA GLN C 189 -23.57 20.06 -16.91
C GLN C 189 -23.84 19.14 -15.73
N ASP C 190 -25.11 18.94 -15.43
CA ASP C 190 -25.55 18.03 -14.38
C ASP C 190 -26.18 16.80 -15.01
N LEU C 191 -25.73 15.63 -14.60
CA LEU C 191 -26.23 14.37 -15.14
C LEU C 191 -26.89 13.48 -14.11
N GLY C 192 -26.95 13.89 -12.85
CA GLY C 192 -27.57 13.07 -11.82
C GLY C 192 -26.56 12.27 -11.03
N VAL C 193 -26.45 10.99 -11.36
CA VAL C 193 -25.52 10.08 -10.67
C VAL C 193 -24.09 10.46 -11.06
N PRO C 194 -23.09 10.11 -10.24
CA PRO C 194 -21.74 10.64 -10.48
C PRO C 194 -21.12 10.11 -11.76
N VAL C 195 -20.08 10.80 -12.21
CA VAL C 195 -19.38 10.49 -13.46
C VAL C 195 -18.12 9.71 -13.13
N MET C 196 -17.97 8.54 -13.74
CA MET C 196 -16.82 7.68 -13.51
C MET C 196 -16.01 7.41 -14.77
N GLY C 197 -16.16 8.22 -15.81
CA GLY C 197 -15.35 8.10 -16.99
C GLY C 197 -15.80 8.99 -18.13
N VAL C 198 -14.85 9.67 -18.77
CA VAL C 198 -15.12 10.52 -19.93
C VAL C 198 -14.37 9.93 -21.10
N TYR C 199 -15.11 9.60 -22.17
CA TYR C 199 -14.53 8.96 -23.34
C TYR C 199 -14.82 9.80 -24.58
N THR C 200 -13.95 9.67 -25.57
CA THR C 200 -14.08 10.33 -26.85
C THR C 200 -13.85 9.33 -27.96
N TRP C 201 -14.39 9.62 -29.13
CA TRP C 201 -14.17 8.78 -30.31
C TRP C 201 -13.05 9.39 -31.14
N HIS C 202 -11.85 8.81 -31.02
CA HIS C 202 -10.67 9.30 -31.70
C HIS C 202 -10.08 8.16 -32.50
N GLN C 203 -9.26 8.50 -33.50
CA GLN C 203 -8.93 7.62 -34.63
C GLN C 203 -10.26 7.00 -35.06
N ASP C 204 -10.47 5.70 -34.88
CA ASP C 204 -11.74 5.06 -35.19
C ASP C 204 -12.11 4.10 -34.06
N GLY C 205 -11.94 4.56 -32.83
CA GLY C 205 -12.28 3.76 -31.68
C GLY C 205 -12.53 4.63 -30.46
N LEU C 206 -12.86 3.97 -29.35
CA LEU C 206 -13.12 4.67 -28.09
C LEU C 206 -11.82 4.88 -27.33
N ARG C 207 -11.62 6.09 -26.86
CA ARG C 207 -10.42 6.48 -26.13
C ARG C 207 -10.83 7.20 -24.86
N GLN C 208 -10.18 6.87 -23.75
CA GLN C 208 -10.55 7.41 -22.44
C GLN C 208 -9.74 8.67 -22.14
N LEU C 209 -10.43 9.80 -22.01
CA LEU C 209 -9.79 11.04 -21.63
C LEU C 209 -9.52 11.08 -20.13
N PRO C 210 -8.44 11.72 -19.71
CA PRO C 210 -8.19 11.87 -18.26
C PRO C 210 -9.23 12.78 -17.62
N HIS C 211 -9.51 12.51 -16.34
CA HIS C 211 -10.42 13.33 -15.56
C HIS C 211 -9.98 13.29 -14.09
N LEU C 212 -10.42 14.29 -13.35
CA LEU C 212 -10.14 14.39 -11.93
C LEU C 212 -11.45 14.45 -11.15
N THR C 213 -11.46 13.82 -9.98
CA THR C 213 -12.62 13.81 -9.10
C THR C 213 -12.42 14.86 -8.01
N LEU C 214 -13.35 15.82 -7.94
CA LEU C 214 -13.31 16.88 -6.95
C LEU C 214 -14.61 16.86 -6.17
N ALA C 215 -14.53 17.35 -4.93
CA ALA C 215 -15.76 17.61 -4.18
C ALA C 215 -16.46 18.83 -4.76
N ARG C 216 -17.79 18.81 -4.73
CA ARG C 216 -18.55 19.91 -5.30
C ARG C 216 -18.23 21.22 -4.60
N ASP C 217 -18.05 21.16 -3.28
CA ASP C 217 -17.64 22.35 -2.53
C ASP C 217 -16.29 22.87 -2.99
N THR C 218 -15.37 21.95 -3.30
CA THR C 218 -14.05 22.37 -3.79
C THR C 218 -14.16 23.09 -5.13
N LEU C 219 -14.96 22.55 -6.04
CA LEU C 219 -15.15 23.21 -7.33
C LEU C 219 -15.78 24.59 -7.16
N HIS C 220 -16.79 24.68 -6.29
CA HIS C 220 -17.43 25.98 -6.06
C HIS C 220 -16.45 26.96 -5.45
N PHE C 221 -15.64 26.52 -4.48
CA PHE C 221 -14.67 27.41 -3.86
C PHE C 221 -13.66 27.92 -4.87
N LEU C 222 -13.12 27.02 -5.71
CA LEU C 222 -12.17 27.45 -6.73
C LEU C 222 -12.82 28.40 -7.72
N ALA C 223 -14.08 28.17 -8.06
CA ALA C 223 -14.77 29.07 -8.99
C ALA C 223 -14.95 30.47 -8.40
N LEU C 224 -15.39 30.55 -7.13
CA LEU C 224 -15.69 31.86 -6.58
C LEU C 224 -14.42 32.62 -6.18
N ARG C 225 -13.45 31.92 -5.59
CA ARG C 225 -12.26 32.59 -5.08
C ARG C 225 -11.29 32.98 -6.18
N TRP C 226 -10.80 32.02 -6.96
CA TRP C 226 -9.80 32.32 -7.98
C TRP C 226 -10.45 32.71 -9.29
N GLY C 227 -11.46 31.95 -9.72
CA GLY C 227 -12.16 32.20 -10.96
C GLY C 227 -11.66 31.37 -12.13
N HIS C 228 -10.46 30.82 -12.03
CA HIS C 228 -9.88 30.01 -13.09
C HIS C 228 -9.34 28.72 -12.48
N ILE C 229 -9.90 27.59 -12.89
CA ILE C 229 -9.39 26.29 -12.45
C ILE C 229 -8.06 26.03 -13.12
N ARG C 230 -7.06 25.66 -12.33
CA ARG C 230 -5.71 25.42 -12.83
C ARG C 230 -5.13 24.14 -12.24
N LEU C 231 -5.91 23.07 -12.28
CA LEU C 231 -5.43 21.79 -11.78
C LEU C 231 -4.27 21.29 -12.65
N PRO C 232 -3.13 20.95 -12.07
CA PRO C 232 -2.02 20.45 -12.88
C PRO C 232 -2.37 19.13 -13.56
N ALA C 233 -1.82 18.93 -14.75
CA ALA C 233 -2.04 17.70 -15.49
C ALA C 233 -0.83 16.77 -15.40
N THR C 248 -3.77 27.61 -2.47
CA THR C 248 -4.85 26.72 -2.09
C THR C 248 -4.36 25.28 -1.96
N GLN C 249 -4.77 24.62 -0.88
CA GLN C 249 -4.35 23.26 -0.59
C GLN C 249 -5.46 22.29 -0.97
N LEU C 250 -5.17 21.39 -1.91
CA LEU C 250 -6.07 20.32 -2.28
C LEU C 250 -5.59 19.02 -1.65
N LEU C 251 -6.47 18.37 -0.89
CA LEU C 251 -6.14 17.19 -0.12
C LEU C 251 -6.86 15.99 -0.70
N MET C 252 -6.13 14.88 -0.84
CA MET C 252 -6.72 13.64 -1.34
C MET C 252 -7.54 12.98 -0.23
N THR C 253 -8.84 12.78 -0.49
CA THR C 253 -9.71 12.07 0.41
C THR C 253 -10.44 10.96 -0.34
N LEU C 254 -10.92 9.97 0.42
CA LEU C 254 -11.62 8.83 -0.14
C LEU C 254 -13.10 8.96 0.21
N TYR C 255 -13.85 9.62 -0.68
CA TYR C 255 -15.28 9.80 -0.49
C TYR C 255 -16.00 8.46 -0.54
N VAL C 256 -16.93 8.26 0.40
CA VAL C 256 -17.75 7.06 0.47
C VAL C 256 -19.17 7.44 0.11
N GLY C 257 -19.68 6.89 -0.99
CA GLY C 257 -21.03 7.17 -1.43
C GLY C 257 -21.93 5.96 -1.38
N LYS C 258 -23.24 6.19 -1.32
CA LYS C 258 -24.23 5.12 -1.29
C LYS C 258 -25.26 5.39 -2.38
N ASP C 259 -25.59 4.36 -3.15
CA ASP C 259 -26.56 4.47 -4.23
C ASP C 259 -27.43 3.22 -4.22
N GLU C 260 -28.18 3.03 -5.30
CA GLU C 260 -29.12 1.92 -5.42
C GLU C 260 -28.45 0.58 -5.64
N THR C 261 -27.14 0.56 -5.90
CA THR C 261 -26.41 -0.69 -6.13
C THR C 261 -25.54 -1.10 -4.95
N GLY C 262 -25.49 -0.31 -3.89
CA GLY C 262 -24.65 -0.59 -2.74
C GLY C 262 -23.64 0.52 -2.50
N PHE C 263 -22.78 0.28 -1.52
CA PHE C 263 -21.74 1.25 -1.20
C PHE C 263 -20.65 1.24 -2.27
N TYR C 264 -20.13 2.44 -2.55
CA TYR C 264 -19.06 2.60 -3.51
C TYR C 264 -18.14 3.71 -3.04
N VAL C 265 -16.84 3.54 -3.29
CA VAL C 265 -15.85 4.52 -2.89
C VAL C 265 -15.40 5.30 -4.12
N SER C 266 -14.71 6.40 -3.88
CA SER C 266 -14.18 7.25 -4.95
C SER C 266 -13.10 8.14 -4.35
N LYS C 267 -12.07 8.44 -5.14
CA LYS C 267 -10.96 9.25 -4.68
C LYS C 267 -11.20 10.69 -5.12
N ALA C 268 -11.67 11.52 -4.20
CA ALA C 268 -12.08 12.89 -4.50
C ALA C 268 -11.20 13.87 -3.75
N LEU C 269 -10.69 14.88 -4.46
CA LEU C 269 -9.95 15.95 -3.83
C LEU C 269 -10.89 16.91 -3.10
N VAL C 270 -10.42 17.47 -1.99
CA VAL C 270 -11.16 18.47 -1.24
C VAL C 270 -10.22 19.63 -0.94
N HIS C 271 -10.81 20.75 -0.56
CA HIS C 271 -10.05 21.89 -0.06
C HIS C 271 -10.18 21.96 1.45
N THR C 272 -9.31 22.75 2.08
CA THR C 272 -9.42 22.99 3.50
C THR C 272 -10.71 23.75 3.79
N GLY C 273 -11.68 23.07 4.39
CA GLY C 273 -13.00 23.62 4.57
C GLY C 273 -14.08 22.57 4.40
N VAL C 274 -13.74 21.49 3.70
CA VAL C 274 -14.64 20.35 3.55
C VAL C 274 -14.55 19.51 4.82
N ALA C 275 -15.70 19.21 5.42
CA ALA C 275 -15.75 18.52 6.70
C ALA C 275 -15.46 17.04 6.48
N LEU C 276 -14.29 16.60 6.91
CA LEU C 276 -13.95 15.18 6.90
C LEU C 276 -14.62 14.50 8.09
N VAL C 277 -15.07 13.27 7.88
CA VAL C 277 -15.64 12.52 9.00
C VAL C 277 -14.55 12.26 10.03
N PRO C 278 -14.82 12.39 11.32
CA PRO C 278 -13.77 12.23 12.33
C PRO C 278 -13.17 10.84 12.29
N ARG C 279 -11.86 10.76 12.52
CA ARG C 279 -11.17 9.48 12.52
C ARG C 279 -11.46 8.73 13.82
N GLY C 280 -10.99 7.49 13.87
CA GLY C 280 -11.25 6.67 15.03
C GLY C 280 -10.58 7.19 16.30
N LEU C 281 -9.41 7.80 16.15
CA LEU C 281 -8.60 8.18 17.29
C LEU C 281 -8.46 9.69 17.41
N THR C 282 -8.78 10.22 18.59
CA THR C 282 -8.37 11.55 19.00
C THR C 282 -7.37 11.39 20.13
N LEU C 283 -6.11 11.77 19.86
CA LEU C 283 -4.99 11.29 20.65
C LEU C 283 -4.94 12.06 21.96
N ALA C 284 -4.67 13.37 21.94
CA ALA C 284 -4.51 14.14 23.18
C ALA C 284 -4.43 15.62 22.84
N PRO C 285 -5.04 16.49 23.66
CA PRO C 285 -4.82 17.93 23.47
C PRO C 285 -3.55 18.40 24.16
N ALA C 286 -2.40 17.94 23.68
CA ALA C 286 -1.12 18.29 24.25
C ALA C 286 -0.73 19.71 23.86
N ASP C 287 -0.08 20.40 24.79
CA ASP C 287 0.41 21.77 24.57
C ASP C 287 1.91 21.79 24.82
N GLY C 288 2.69 21.82 23.75
CA GLY C 288 4.12 21.87 23.84
C GLY C 288 4.73 22.61 22.67
N PRO C 289 6.05 22.85 22.72
CA PRO C 289 6.72 23.55 21.63
C PRO C 289 6.61 22.76 20.33
N THR C 290 6.50 23.49 19.23
CA THR C 290 6.36 22.89 17.92
C THR C 290 7.73 22.72 17.26
N THR C 291 7.92 21.57 16.63
CA THR C 291 9.16 21.25 15.93
C THR C 291 8.88 21.06 14.45
N ASP C 292 9.80 21.55 13.62
CA ASP C 292 9.70 21.37 12.18
C ASP C 292 10.83 20.49 11.64
N GLU C 293 11.73 20.02 12.48
CA GLU C 293 12.89 19.23 12.04
C GLU C 293 12.54 17.74 12.02
N VAL C 294 11.57 17.41 11.17
CA VAL C 294 11.23 16.04 10.83
C VAL C 294 11.08 15.95 9.31
N THR C 295 11.05 14.72 8.81
CA THR C 295 10.90 14.47 7.39
C THR C 295 9.74 13.52 7.17
N LEU C 296 8.84 13.87 6.25
CA LEU C 296 7.71 13.02 5.95
C LEU C 296 8.16 11.71 5.30
N GLN C 297 7.54 10.62 5.69
CA GLN C 297 7.92 9.28 5.26
C GLN C 297 6.72 8.58 4.65
N VAL C 298 6.98 7.69 3.68
CA VAL C 298 5.91 6.99 3.00
C VAL C 298 5.07 6.18 4.00
N SER C 299 3.85 5.88 3.59
CA SER C 299 2.88 5.25 4.50
C SER C 299 3.27 3.81 4.81
N GLY C 300 3.47 2.98 3.77
CA GLY C 300 3.76 1.59 3.99
C GLY C 300 2.52 0.75 4.15
N GLU C 301 2.64 -0.55 3.91
CA GLU C 301 1.49 -1.44 4.01
C GLU C 301 1.16 -1.76 5.47
N ARG C 302 -0.05 -2.23 5.70
CA ARG C 302 -0.54 -2.50 7.05
C ARG C 302 -1.17 -3.89 7.12
N GLU C 303 -1.05 -4.52 8.28
CA GLU C 303 -1.47 -5.90 8.47
C GLU C 303 -2.94 -5.97 8.85
N GLY C 304 -3.60 -7.05 8.40
CA GLY C 304 -5.03 -7.18 8.65
C GLY C 304 -5.36 -7.34 10.12
N SER C 305 -4.63 -8.22 10.81
CA SER C 305 -4.89 -8.45 12.23
C SER C 305 -3.73 -7.97 13.08
N PRO C 306 -3.99 -7.15 14.09
CA PRO C 306 -2.90 -6.55 14.86
C PRO C 306 -2.11 -7.59 15.64
N SER C 307 -0.81 -7.32 15.83
CA SER C 307 0.06 -8.20 16.57
C SER C 307 0.38 -7.68 17.98
N THR C 308 0.06 -6.41 18.27
CA THR C 308 0.36 -5.82 19.56
C THR C 308 -0.85 -5.04 20.04
N ALA C 309 -0.90 -4.84 21.36
CA ALA C 309 -1.87 -3.92 21.96
C ALA C 309 -1.27 -2.51 21.93
N VAL C 310 -1.99 -1.55 22.52
CA VAL C 310 -1.53 -0.16 22.53
C VAL C 310 -2.10 0.53 23.76
N ARG C 311 -1.29 1.40 24.36
CA ARG C 311 -1.69 2.22 25.50
C ARG C 311 -1.42 3.68 25.17
N TYR C 312 -2.48 4.51 25.22
CA TYR C 312 -2.41 5.91 24.83
C TYR C 312 -2.33 6.82 26.06
N PRO C 313 -1.67 7.97 25.95
CA PRO C 313 -1.53 8.84 27.13
C PRO C 313 -2.80 9.63 27.42
N SER C 314 -3.55 9.20 28.43
CA SER C 314 -4.77 9.88 28.88
C SER C 314 -5.65 10.34 27.73
N GLY C 315 -5.74 9.55 26.67
CA GLY C 315 -6.47 9.96 25.48
C GLY C 315 -7.64 9.07 25.15
N SER C 316 -8.77 9.68 24.82
CA SER C 316 -9.98 8.93 24.54
C SER C 316 -9.92 8.26 23.18
N VAL C 317 -10.36 7.01 23.12
CA VAL C 317 -10.48 6.26 21.89
C VAL C 317 -11.96 6.18 21.54
N ALA C 318 -12.29 6.36 20.25
CA ALA C 318 -13.67 6.39 19.82
C ALA C 318 -13.99 5.15 19.01
N LEU C 319 -15.16 5.13 18.38
CA LEU C 319 -15.65 4.03 17.55
C LEU C 319 -14.62 3.69 16.49
N PRO C 320 -14.67 2.48 15.90
CA PRO C 320 -13.64 2.05 14.92
C PRO C 320 -13.71 2.80 13.60
N SER C 321 -13.43 4.10 13.64
CA SER C 321 -13.21 4.97 12.50
C SER C 321 -14.51 5.27 11.74
N GLN C 322 -15.59 4.58 12.10
CA GLN C 322 -16.91 4.77 11.52
C GLN C 322 -16.89 4.96 10.01
N TRP C 323 -16.39 3.97 9.28
CA TRP C 323 -16.54 3.95 7.83
C TRP C 323 -18.00 3.69 7.48
N LEU C 324 -18.27 3.68 6.16
CA LEU C 324 -19.62 3.56 5.60
C LEU C 324 -20.48 4.77 5.91
N LEU C 325 -19.88 5.90 6.29
CA LEU C 325 -20.60 7.14 6.51
C LEU C 325 -20.46 8.03 5.27
N ILE C 326 -21.57 8.61 4.82
CA ILE C 326 -21.54 9.46 3.65
C ILE C 326 -20.67 10.68 3.95
N GLY C 327 -19.54 10.78 3.27
CA GLY C 327 -18.62 11.85 3.51
C GLY C 327 -17.23 11.50 3.00
N HIS C 328 -16.27 12.32 3.39
CA HIS C 328 -14.89 12.18 2.96
C HIS C 328 -14.03 11.70 4.12
N HIS C 329 -13.28 10.63 3.90
CA HIS C 329 -12.40 10.04 4.88
C HIS C 329 -10.95 10.24 4.47
N GLU C 330 -10.05 10.05 5.41
CA GLU C 330 -8.63 10.02 5.07
C GLU C 330 -8.32 8.76 4.27
N LEU C 331 -7.22 8.82 3.52
CA LEU C 331 -6.88 7.72 2.64
C LEU C 331 -6.61 6.46 3.45
N PRO C 332 -7.31 5.35 3.17
CA PRO C 332 -7.05 4.12 3.90
C PRO C 332 -5.69 3.55 3.54
N PRO C 333 -5.06 2.79 4.43
CA PRO C 333 -3.78 2.18 4.11
C PRO C 333 -3.94 0.93 3.27
N VAL C 334 -2.97 0.71 2.38
CA VAL C 334 -2.98 -0.50 1.58
C VAL C 334 -2.56 -1.68 2.44
N LEU C 335 -3.19 -2.83 2.21
CA LEU C 335 -3.04 -4.01 3.05
C LEU C 335 -1.81 -4.80 2.62
N HIS C 336 -1.04 -5.27 3.61
CA HIS C 336 0.14 -6.08 3.35
C HIS C 336 -0.27 -7.51 3.06
N THR C 337 -0.16 -7.92 1.81
CA THR C 337 -0.58 -9.27 1.41
C THR C 337 0.07 -9.63 0.09
N THR C 338 0.03 -10.92 -0.23
CA THR C 338 0.47 -11.43 -1.51
C THR C 338 -0.62 -12.33 -2.09
N MET C 339 -0.29 -12.98 -3.20
CA MET C 339 -1.22 -13.87 -3.89
C MET C 339 -0.55 -15.22 -4.14
N LEU C 340 -1.39 -16.26 -4.19
CA LEU C 340 -0.93 -17.62 -4.46
C LEU C 340 -1.94 -18.27 -5.38
N ARG C 341 -1.61 -18.33 -6.67
CA ARG C 341 -2.52 -18.92 -7.65
C ARG C 341 -2.65 -20.41 -7.40
N VAL C 342 -3.89 -20.88 -7.33
CA VAL C 342 -4.18 -22.28 -7.02
C VAL C 342 -4.30 -23.10 -8.29
#